data_8PYA
#
_entry.id   8PYA
#
_cell.length_a   41.701
_cell.length_b   75.179
_cell.length_c   101.711
_cell.angle_alpha   90.000
_cell.angle_beta   90.000
_cell.angle_gamma   90.000
#
_symmetry.space_group_name_H-M   'P 21 21 21'
#
loop_
_entity.id
_entity.type
_entity.pdbx_description
1 polymer 'Isopenicillin N synthase'
2 non-polymer 'SULFATE ION'
3 non-polymer L-D-(A-AMINOADIPOYL)-L-CYSTEINYL-D-VALINE
4 non-polymer 'OXYGEN MOLECULE'
5 non-polymer 'FE (III) ION'
6 non-polymer '(2S)-2-azanyl-6-[[(2R)-1-[[(2R)-3-methyl-1-oxidanyl-1-oxidanylidene-butan-2-yl]amino]-1-oxidanylidene-3-sulfanylidene-propan-2-yl]amino]-6-oxidanylidene-hexanoic acid'
7 water water
#
_entity_poly.entity_id   1
_entity_poly.type   'polypeptide(L)'
_entity_poly.pdbx_seq_one_letter_code
;MGSVSKANVPKIDVSPLFGDDQAAKMRVAQQIDAASRDTGFFYAVNHGINVQRLSQKTKEFHMSITPEEKWDLAIRAYNK
EHQDQVRAGYYLSIPGKKAVESFCYLNPNFTPDHPRIQAKTPTHEVNVWPDETKHPGFQDFAEQYYWDVFGLSSALLKGY
ALALGKEENFFARHFKPDDTLASVVLIRYPYLDPYPEAAIKTAADGTKLSFEWHEDVSLITVLYQSNVQNLQVETAAGYQ
DIEADDTGYLINCGSYMAHLTNNYYKAPIHRVKWVNAERQSLPFFVNLGYDSVIDPFDPREPNGKSDREPLSYGDYLQNG
LVSLINKNGQT
;
_entity_poly.pdbx_strand_id   A
#
loop_
_chem_comp.id
_chem_comp.type
_chem_comp.name
_chem_comp.formula
ACV non-polymer L-D-(A-AMINOADIPOYL)-L-CYSTEINYL-D-VALINE 'C14 H25 N3 O6 S'
FE non-polymer 'FE (III) ION' 'Fe 3'
IO0 non-polymer '(2S)-2-azanyl-6-[[(2R)-1-[[(2R)-3-methyl-1-oxidanyl-1-oxidanylidene-butan-2-yl]amino]-1-oxidanylidene-3-sulfanylidene-propan-2-yl]amino]-6-oxidanylidene-hexanoic acid' 'C14 H23 N3 O6 S'
OXY non-polymer 'OXYGEN MOLECULE' O2
SO4 non-polymer 'SULFATE ION' 'O4 S -2'
#
# COMPACT_ATOMS: atom_id res chain seq x y z
N VAL A 4 -0.45 -23.73 -12.59
CA VAL A 4 -0.85 -22.35 -12.29
C VAL A 4 -0.43 -21.38 -13.39
N SER A 5 -1.38 -20.60 -13.90
CA SER A 5 -1.07 -19.73 -15.01
C SER A 5 -0.48 -18.43 -14.48
N LYS A 6 -0.05 -17.61 -15.41
CA LYS A 6 0.54 -16.32 -15.11
C LYS A 6 -0.39 -15.18 -15.53
N ALA A 7 -0.51 -14.19 -14.68
CA ALA A 7 -1.43 -13.09 -14.91
C ALA A 7 -0.89 -12.13 -15.96
N ASN A 8 -1.81 -11.54 -16.69
CA ASN A 8 -1.44 -10.50 -17.61
C ASN A 8 -1.33 -9.20 -16.85
N VAL A 9 -0.09 -8.76 -16.60
CA VAL A 9 0.15 -7.51 -15.88
C VAL A 9 0.97 -6.60 -16.79
N PRO A 10 0.32 -5.65 -17.44
CA PRO A 10 1.03 -4.82 -18.42
C PRO A 10 1.96 -3.85 -17.74
N LYS A 11 3.01 -3.47 -18.45
CA LYS A 11 3.91 -2.41 -18.05
C LYS A 11 3.45 -1.13 -18.73
N ILE A 12 3.06 -0.13 -17.95
CA ILE A 12 2.55 1.13 -18.46
C ILE A 12 3.55 2.23 -18.18
N ASP A 13 4.04 2.88 -19.24
CA ASP A 13 4.87 4.06 -19.10
C ASP A 13 3.98 5.21 -18.61
N VAL A 14 4.16 5.61 -17.35
CA VAL A 14 3.35 6.63 -16.74
C VAL A 14 3.95 8.02 -16.88
N SER A 15 5.09 8.17 -17.57
CA SER A 15 5.72 9.48 -17.65
C SER A 15 4.81 10.55 -18.25
N PRO A 16 3.92 10.27 -19.19
CA PRO A 16 3.07 11.37 -19.69
C PRO A 16 2.20 12.00 -18.61
N LEU A 17 1.93 11.28 -17.51
CA LEU A 17 1.09 11.83 -16.48
C LEU A 17 1.76 12.95 -15.69
N PHE A 18 3.07 13.12 -15.84
CA PHE A 18 3.76 14.24 -15.27
C PHE A 18 3.88 15.42 -16.22
N GLY A 19 3.36 15.32 -17.43
CA GLY A 19 3.49 16.34 -18.43
C GLY A 19 2.18 17.03 -18.77
N ASP A 20 2.18 17.73 -19.91
CA ASP A 20 0.98 18.46 -20.33
C ASP A 20 0.53 18.09 -21.75
N ASP A 21 1.01 16.98 -22.30
CA ASP A 21 0.48 16.43 -23.54
C ASP A 21 -0.82 15.69 -23.21
N GLN A 22 -1.95 16.34 -23.44
CA GLN A 22 -3.20 15.77 -22.94
C GLN A 22 -3.57 14.49 -23.66
N ALA A 23 -3.28 14.41 -24.97
CA ALA A 23 -3.59 13.18 -25.69
C ALA A 23 -2.74 12.02 -25.20
N ALA A 24 -1.47 12.28 -24.89
CA ALA A 24 -0.61 11.23 -24.33
C ALA A 24 -1.14 10.77 -22.97
N LYS A 25 -1.65 11.69 -22.15
CA LYS A 25 -2.25 11.29 -20.87
C LYS A 25 -3.45 10.39 -21.12
N MET A 26 -4.27 10.71 -22.14
CA MET A 26 -5.43 9.87 -22.42
C MET A 26 -5.02 8.47 -22.85
N ARG A 27 -3.94 8.33 -23.60
CA ARG A 27 -3.49 7.00 -23.99
C ARG A 27 -2.98 6.21 -22.81
N VAL A 28 -2.40 6.88 -21.81
CA VAL A 28 -2.06 6.19 -20.56
C VAL A 28 -3.31 5.78 -19.84
N ALA A 29 -4.28 6.67 -19.74
CA ALA A 29 -5.51 6.39 -19.03
C ALA A 29 -6.24 5.21 -19.61
N GLN A 30 -6.19 5.05 -20.95
CA GLN A 30 -6.82 3.90 -21.57
C GLN A 30 -6.18 2.60 -21.11
N GLN A 31 -4.86 2.59 -20.98
CA GLN A 31 -4.15 1.40 -20.51
C GLN A 31 -4.45 1.09 -19.06
N ILE A 32 -4.56 2.13 -18.23
CA ILE A 32 -4.98 1.94 -16.85
C ILE A 32 -6.38 1.36 -16.80
N ASP A 33 -7.29 1.88 -17.63
CA ASP A 33 -8.64 1.33 -17.68
C ASP A 33 -8.62 -0.14 -18.03
N ALA A 34 -7.91 -0.49 -19.10
CA ALA A 34 -7.87 -1.86 -19.54
C ALA A 34 -7.34 -2.78 -18.47
N ALA A 35 -6.26 -2.38 -17.83
CA ALA A 35 -5.70 -3.24 -16.76
C ALA A 35 -6.68 -3.35 -15.59
N SER A 36 -7.34 -2.27 -15.22
CA SER A 36 -8.21 -2.27 -14.06
C SER A 36 -9.44 -3.12 -14.29
N ARG A 37 -9.82 -3.31 -15.56
CA ARG A 37 -10.97 -4.16 -15.87
C ARG A 37 -10.58 -5.59 -16.20
N ASP A 38 -9.29 -5.89 -16.23
CA ASP A 38 -8.79 -7.25 -16.47
C ASP A 38 -8.38 -7.83 -15.11
N THR A 39 -7.11 -8.05 -14.87
CA THR A 39 -6.70 -8.64 -13.60
C THR A 39 -6.71 -7.63 -12.48
N GLY A 40 -6.61 -6.36 -12.79
CA GLY A 40 -6.59 -5.34 -11.78
C GLY A 40 -5.23 -4.86 -11.40
N PHE A 41 -4.19 -5.41 -11.97
CA PHE A 41 -2.81 -5.01 -11.69
C PHE A 41 -2.11 -4.48 -12.93
N PHE A 42 -1.22 -3.51 -12.73
CA PHE A 42 -0.29 -3.14 -13.77
C PHE A 42 1.00 -2.66 -13.14
N TYR A 43 2.09 -2.71 -13.91
CA TYR A 43 3.33 -2.09 -13.47
C TYR A 43 3.43 -0.69 -14.03
N ALA A 44 3.74 0.27 -13.16
CA ALA A 44 4.09 1.61 -13.60
C ALA A 44 5.59 1.69 -13.83
N VAL A 45 5.99 1.98 -15.04
CA VAL A 45 7.40 2.13 -15.38
C VAL A 45 7.68 3.55 -15.84
N ASN A 46 8.97 3.91 -15.85
CA ASN A 46 9.39 5.27 -16.16
C ASN A 46 8.76 6.24 -15.17
N HIS A 47 8.91 5.89 -13.88
CA HIS A 47 8.28 6.61 -12.78
C HIS A 47 9.17 7.65 -12.12
N GLY A 48 10.48 7.62 -12.34
CA GLY A 48 11.36 8.65 -11.85
C GLY A 48 11.81 8.50 -10.42
N ILE A 49 11.41 7.45 -9.75
CA ILE A 49 11.87 7.25 -8.36
C ILE A 49 13.12 6.38 -8.31
N ASN A 50 14.08 6.75 -7.45
CA ASN A 50 15.29 5.95 -7.32
C ASN A 50 14.97 4.78 -6.40
N VAL A 51 14.60 3.65 -7.01
CA VAL A 51 14.22 2.50 -6.21
C VAL A 51 15.42 1.69 -5.75
N GLN A 52 16.60 1.85 -6.36
CA GLN A 52 17.84 1.25 -5.84
C GLN A 52 18.16 1.81 -4.46
N ARG A 53 18.10 3.13 -4.31
CA ARG A 53 18.40 3.75 -3.02
C ARG A 53 17.37 3.33 -1.97
N LEU A 54 16.11 3.25 -2.38
CA LEU A 54 15.05 2.83 -1.46
C LEU A 54 15.31 1.43 -0.91
N SER A 55 15.64 0.49 -1.79
CA SER A 55 15.85 -0.88 -1.33
C SER A 55 17.10 -0.93 -0.44
N GLN A 56 18.15 -0.16 -0.81
CA GLN A 56 19.37 -0.22 -0.04
C GLN A 56 19.16 0.30 1.37
N LYS A 57 18.54 1.48 1.46
CA LYS A 57 18.37 2.09 2.78
C LYS A 57 17.46 1.25 3.65
N THR A 58 16.43 0.65 3.06
CA THR A 58 15.51 -0.21 3.80
C THR A 58 16.22 -1.44 4.31
N LYS A 59 17.09 -2.00 3.48
CA LYS A 59 17.83 -3.18 3.91
C LYS A 59 18.75 -2.84 5.09
N GLU A 60 19.45 -1.69 5.02
CA GLU A 60 20.34 -1.33 6.11
C GLU A 60 19.60 -1.26 7.44
N PHE A 61 18.37 -0.76 7.40
CA PHE A 61 17.60 -0.57 8.63
C PHE A 61 17.16 -1.90 9.21
N HIS A 62 16.52 -2.73 8.39
CA HIS A 62 16.04 -4.02 8.85
C HIS A 62 17.16 -4.87 9.43
N MET A 63 18.34 -4.82 8.81
CA MET A 63 19.44 -5.70 9.21
C MET A 63 20.19 -5.20 10.43
N SER A 64 20.07 -3.92 10.75
CA SER A 64 20.87 -3.36 11.85
C SER A 64 20.08 -3.04 13.11
N ILE A 65 18.75 -3.07 13.07
CA ILE A 65 17.97 -2.74 14.26
C ILE A 65 17.99 -3.90 15.24
N THR A 66 18.02 -3.56 16.54
CA THR A 66 18.26 -4.54 17.60
C THR A 66 16.96 -4.80 18.37
N PRO A 67 16.91 -5.89 19.15
CA PRO A 67 15.69 -6.13 19.94
C PRO A 67 15.31 -4.98 20.87
N GLU A 68 16.28 -4.33 21.48
CA GLU A 68 15.97 -3.19 22.34
C GLU A 68 15.25 -2.10 21.56
N GLU A 69 15.76 -1.78 20.39
CA GLU A 69 15.12 -0.75 19.57
C GLU A 69 13.74 -1.16 19.11
N LYS A 70 13.54 -2.45 18.78
CA LYS A 70 12.22 -2.89 18.33
C LYS A 70 11.18 -2.71 19.43
N TRP A 71 11.51 -3.09 20.68
CA TRP A 71 10.56 -2.84 21.75
C TRP A 71 10.27 -1.37 21.90
N ASP A 72 11.27 -0.50 21.76
CA ASP A 72 11.07 0.93 21.95
C ASP A 72 10.14 1.51 20.88
N LEU A 73 10.12 0.88 19.73
CA LEU A 73 9.35 1.40 18.59
C LEU A 73 8.03 0.66 18.37
N ALA A 74 7.77 -0.38 19.16
CA ALA A 74 6.73 -1.32 18.87
C ALA A 74 5.34 -0.69 18.95
N ILE A 75 4.45 -1.18 18.10
CA ILE A 75 3.05 -0.80 18.20
C ILE A 75 2.40 -1.47 19.40
N ARG A 76 1.17 -1.03 19.73
CA ARG A 76 0.49 -1.47 20.94
C ARG A 76 0.29 -2.95 21.00
N ALA A 77 0.16 -3.61 19.85
CA ALA A 77 -0.06 -5.05 19.87
C ALA A 77 1.10 -5.81 20.46
N TYR A 78 2.29 -5.22 20.46
CA TYR A 78 3.49 -5.84 20.96
C TYR A 78 4.02 -5.17 22.22
N ASN A 79 3.52 -4.00 22.59
CA ASN A 79 4.03 -3.28 23.76
C ASN A 79 2.86 -2.50 24.36
N LYS A 80 2.38 -2.97 25.51
CA LYS A 80 1.23 -2.37 26.20
C LYS A 80 1.47 -0.93 26.60
N GLU A 81 2.73 -0.49 26.69
CA GLU A 81 3.00 0.88 27.09
C GLU A 81 2.64 1.87 25.99
N HIS A 82 2.55 1.43 24.75
CA HIS A 82 2.44 2.33 23.61
C HIS A 82 0.99 2.39 23.12
N GLN A 83 0.12 2.85 24.01
CA GLN A 83 -1.31 2.85 23.74
C GLN A 83 -1.67 3.75 22.55
N ASP A 84 -0.86 4.73 22.24
CA ASP A 84 -1.13 5.65 21.13
C ASP A 84 -0.59 5.18 19.79
N GLN A 85 0.10 4.04 19.74
CA GLN A 85 0.66 3.52 18.48
C GLN A 85 -0.15 2.32 18.02
N VAL A 86 -1.18 2.57 17.23
CA VAL A 86 -1.95 1.51 16.60
C VAL A 86 -1.45 1.25 15.18
N ARG A 87 -1.11 2.29 14.45
CA ARG A 87 -0.64 2.17 13.08
C ARG A 87 0.87 2.29 12.97
N ALA A 88 1.43 3.34 13.53
CA ALA A 88 2.80 3.71 13.25
C ALA A 88 3.74 3.08 14.28
N GLY A 89 4.80 2.46 13.76
CA GLY A 89 5.85 1.87 14.54
C GLY A 89 6.29 0.52 14.01
N TYR A 90 6.94 -0.24 14.89
N TYR A 90 6.94 -0.24 14.89
CA TYR A 90 7.53 -1.51 14.49
CA TYR A 90 7.54 -1.51 14.50
C TYR A 90 6.59 -2.66 14.81
C TYR A 90 6.60 -2.67 14.82
N TYR A 91 6.54 -3.62 13.88
CA TYR A 91 5.68 -4.79 13.95
C TYR A 91 6.66 -5.96 14.06
N LEU A 92 6.77 -6.55 15.27
CA LEU A 92 7.85 -7.48 15.50
C LEU A 92 7.56 -8.87 14.93
N SER A 93 8.63 -9.55 14.52
CA SER A 93 8.58 -10.96 14.27
C SER A 93 8.58 -11.67 15.60
N ILE A 94 8.14 -12.92 15.59
CA ILE A 94 8.17 -13.79 16.75
C ILE A 94 8.99 -15.02 16.37
N PRO A 95 10.26 -15.09 16.81
CA PRO A 95 11.13 -16.18 16.35
C PRO A 95 10.46 -17.53 16.59
N GLY A 96 10.46 -18.36 15.54
CA GLY A 96 9.84 -19.66 15.60
C GLY A 96 8.35 -19.70 15.30
N LYS A 97 7.72 -18.57 15.17
CA LYS A 97 6.28 -18.49 15.01
C LYS A 97 5.83 -17.57 13.91
N LYS A 98 6.45 -16.39 13.78
CA LYS A 98 6.01 -15.37 12.87
C LYS A 98 7.25 -14.76 12.21
N ALA A 99 7.36 -14.86 10.88
CA ALA A 99 8.58 -14.49 10.20
C ALA A 99 8.64 -13.03 9.81
N VAL A 100 7.51 -12.51 9.35
CA VAL A 100 7.49 -11.17 8.82
C VAL A 100 7.67 -10.13 9.93
N GLU A 101 8.39 -9.08 9.63
N GLU A 101 8.36 -9.07 9.62
CA GLU A 101 8.44 -7.92 10.51
CA GLU A 101 8.50 -7.91 10.50
C GLU A 101 8.34 -6.70 9.60
C GLU A 101 8.50 -6.66 9.64
N SER A 102 7.93 -5.57 10.18
CA SER A 102 7.77 -4.38 9.37
C SER A 102 7.81 -3.13 10.21
N PHE A 103 7.96 -2.01 9.53
CA PHE A 103 7.96 -0.71 10.15
C PHE A 103 7.01 0.16 9.35
N CYS A 104 6.05 0.80 10.02
CA CYS A 104 5.02 1.61 9.34
C CYS A 104 5.16 3.05 9.77
N TYR A 105 5.08 3.97 8.82
CA TYR A 105 5.07 5.37 9.15
C TYR A 105 4.06 6.09 8.28
N LEU A 106 3.57 7.18 8.82
CA LEU A 106 2.48 7.98 8.28
C LEU A 106 2.99 9.32 7.81
N ASN A 107 2.01 10.19 7.42
CA ASN A 107 2.27 11.56 7.03
C ASN A 107 3.25 12.26 7.97
N PRO A 108 4.42 12.66 7.46
CA PRO A 108 5.36 13.43 8.31
C PRO A 108 4.79 14.73 8.82
N ASN A 109 3.71 15.23 8.24
CA ASN A 109 3.10 16.46 8.73
C ASN A 109 2.24 16.26 9.97
N PHE A 110 2.01 15.01 10.39
CA PHE A 110 1.29 14.76 11.64
C PHE A 110 2.25 15.00 12.79
N THR A 111 2.16 16.17 13.37
CA THR A 111 2.98 16.56 14.53
C THR A 111 2.04 16.86 15.67
N PRO A 112 2.56 17.14 16.87
CA PRO A 112 1.70 17.63 17.95
C PRO A 112 0.99 18.92 17.63
N ASP A 113 1.53 19.73 16.72
CA ASP A 113 0.84 20.95 16.33
C ASP A 113 -0.34 20.69 15.41
N HIS A 114 -0.46 19.48 14.80
CA HIS A 114 -1.49 19.25 13.83
C HIS A 114 -2.85 19.19 14.50
N PRO A 115 -3.86 19.86 13.96
CA PRO A 115 -5.18 19.85 14.63
C PRO A 115 -5.79 18.46 14.78
N ARG A 116 -5.53 17.54 13.84
CA ARG A 116 -6.08 16.20 13.97
C ARG A 116 -5.42 15.45 15.11
N ILE A 117 -4.16 15.79 15.38
CA ILE A 117 -3.50 15.18 16.54
C ILE A 117 -4.00 15.85 17.82
N GLN A 118 -4.14 17.19 17.79
CA GLN A 118 -4.71 17.88 18.95
C GLN A 118 -6.09 17.32 19.28
N ALA A 119 -6.89 17.04 18.27
CA ALA A 119 -8.23 16.53 18.51
C ALA A 119 -8.28 15.06 18.82
N LYS A 120 -7.15 14.34 18.71
CA LYS A 120 -7.09 12.90 18.94
C LYS A 120 -8.05 12.17 18.00
N THR A 121 -8.11 12.63 16.78
CA THR A 121 -8.93 11.95 15.77
C THR A 121 -8.38 10.55 15.47
N PRO A 122 -9.23 9.52 15.47
CA PRO A 122 -8.73 8.18 15.13
C PRO A 122 -8.02 8.13 13.79
N THR A 123 -7.04 7.25 13.70
CA THR A 123 -6.19 6.89 12.55
C THR A 123 -5.08 7.90 12.36
N HIS A 124 -5.01 8.99 13.13
CA HIS A 124 -3.93 9.94 13.02
C HIS A 124 -2.99 9.70 14.16
N GLU A 125 -1.69 9.57 13.87
CA GLU A 125 -0.66 9.35 14.86
C GLU A 125 0.60 10.09 14.47
N VAL A 126 1.42 10.42 15.46
CA VAL A 126 2.74 10.97 15.21
C VAL A 126 3.72 9.81 15.01
N ASN A 127 4.51 9.87 13.95
CA ASN A 127 5.51 8.85 13.71
C ASN A 127 6.52 8.73 14.83
N VAL A 128 6.97 7.49 15.04
CA VAL A 128 8.08 7.16 15.92
C VAL A 128 9.27 6.74 15.09
N TRP A 129 10.46 7.18 15.49
CA TRP A 129 11.67 6.93 14.73
C TRP A 129 12.76 6.36 15.62
N PRO A 130 13.68 5.60 15.04
CA PRO A 130 14.87 5.15 15.78
C PRO A 130 15.81 6.32 16.05
N ASP A 131 16.78 6.05 16.94
CA ASP A 131 17.79 7.05 17.26
C ASP A 131 18.63 7.38 16.03
N GLU A 132 18.74 8.68 15.73
CA GLU A 132 19.53 9.13 14.59
C GLU A 132 20.96 8.62 14.65
N THR A 133 21.54 8.53 15.85
CA THR A 133 22.94 8.14 15.92
C THR A 133 23.13 6.66 15.58
N LYS A 134 22.14 5.83 15.87
CA LYS A 134 22.23 4.41 15.55
C LYS A 134 21.82 4.14 14.10
N HIS A 135 20.99 4.99 13.51
CA HIS A 135 20.52 4.82 12.13
C HIS A 135 20.63 6.16 11.41
N PRO A 136 21.85 6.63 11.16
CA PRO A 136 22.00 7.96 10.57
C PRO A 136 21.35 8.04 9.20
N GLY A 137 20.60 9.11 8.98
CA GLY A 137 20.03 9.39 7.69
C GLY A 137 18.78 8.62 7.38
N PHE A 138 18.39 7.66 8.23
CA PHE A 138 17.22 6.85 7.94
C PHE A 138 15.96 7.70 7.92
N GLN A 139 15.74 8.53 8.94
CA GLN A 139 14.50 9.29 9.00
C GLN A 139 14.43 10.25 7.82
N ASP A 140 15.55 10.89 7.50
CA ASP A 140 15.57 11.80 6.35
C ASP A 140 15.21 11.08 5.08
N PHE A 141 15.79 9.90 4.87
CA PHE A 141 15.48 9.12 3.68
C PHE A 141 14.01 8.75 3.64
N ALA A 142 13.47 8.28 4.77
CA ALA A 142 12.11 7.75 4.81
C ALA A 142 11.12 8.89 4.58
N GLU A 143 11.35 10.07 5.19
CA GLU A 143 10.44 11.18 4.97
C GLU A 143 10.49 11.65 3.51
N GLN A 144 11.69 11.77 2.95
N GLN A 144 11.68 11.74 2.93
CA GLN A 144 11.85 12.12 1.54
CA GLN A 144 11.77 12.16 1.53
C GLN A 144 11.08 11.13 0.67
C GLN A 144 11.11 11.12 0.63
N TYR A 145 11.28 9.84 0.94
CA TYR A 145 10.60 8.81 0.13
C TYR A 145 9.09 8.99 0.18
N TYR A 146 8.54 9.33 1.35
CA TYR A 146 7.09 9.50 1.46
C TYR A 146 6.61 10.51 0.41
N TRP A 147 7.33 11.63 0.30
CA TRP A 147 6.91 12.69 -0.64
C TRP A 147 7.23 12.30 -2.08
N ASP A 148 8.27 11.48 -2.31
CA ASP A 148 8.56 11.03 -3.67
C ASP A 148 7.43 10.15 -4.19
N VAL A 149 6.98 9.21 -3.36
CA VAL A 149 5.92 8.28 -3.75
C VAL A 149 4.56 8.95 -3.69
N PHE A 150 4.40 9.95 -2.84
CA PHE A 150 3.22 10.81 -2.89
C PHE A 150 3.07 11.42 -4.28
N GLY A 151 4.18 11.94 -4.81
CA GLY A 151 4.16 12.58 -6.09
C GLY A 151 3.82 11.62 -7.20
N LEU A 152 4.40 10.41 -7.16
CA LEU A 152 4.03 9.43 -8.18
C LEU A 152 2.56 9.08 -8.07
N SER A 153 2.06 8.96 -6.84
CA SER A 153 0.69 8.53 -6.62
C SER A 153 -0.27 9.60 -7.10
N SER A 154 0.06 10.86 -6.87
N SER A 154 0.08 10.86 -6.91
CA SER A 154 -0.78 11.94 -7.38
CA SER A 154 -0.77 11.95 -7.38
C SER A 154 -0.94 11.80 -8.89
C SER A 154 -0.90 11.96 -8.89
N ALA A 155 0.17 11.61 -9.58
CA ALA A 155 0.11 11.43 -11.03
C ALA A 155 -0.75 10.23 -11.42
N LEU A 156 -0.57 9.09 -10.74
CA LEU A 156 -1.40 7.92 -11.05
C LEU A 156 -2.88 8.22 -10.84
N LEU A 157 -3.22 9.00 -9.82
CA LEU A 157 -4.63 9.34 -9.59
C LEU A 157 -5.20 10.16 -10.72
N LYS A 158 -4.38 10.97 -11.37
CA LYS A 158 -4.85 11.70 -12.55
C LYS A 158 -5.20 10.73 -13.67
N GLY A 159 -4.37 9.69 -13.84
CA GLY A 159 -4.67 8.67 -14.83
C GLY A 159 -5.96 7.92 -14.55
N TYR A 160 -6.21 7.59 -13.29
CA TYR A 160 -7.44 6.87 -12.96
C TYR A 160 -8.65 7.76 -13.19
N ALA A 161 -8.54 9.04 -12.88
CA ALA A 161 -9.65 9.97 -13.11
C ALA A 161 -9.97 10.04 -14.58
N LEU A 162 -8.93 10.23 -15.43
CA LEU A 162 -9.20 10.32 -16.86
C LEU A 162 -9.75 9.00 -17.41
N ALA A 163 -9.28 7.88 -16.87
CA ALA A 163 -9.77 6.56 -17.32
C ALA A 163 -11.29 6.42 -17.13
N LEU A 164 -11.81 7.03 -16.07
CA LEU A 164 -13.21 6.94 -15.72
C LEU A 164 -14.03 8.04 -16.31
N GLY A 165 -13.45 8.87 -17.18
CA GLY A 165 -14.17 9.97 -17.76
C GLY A 165 -14.37 11.19 -16.89
N LYS A 166 -13.53 11.38 -15.89
CA LYS A 166 -13.58 12.53 -15.01
C LYS A 166 -12.43 13.46 -15.31
N GLU A 167 -12.55 14.71 -14.85
CA GLU A 167 -11.43 15.63 -14.94
C GLU A 167 -10.28 15.13 -14.08
N GLU A 168 -9.06 15.49 -14.45
CA GLU A 168 -7.90 14.77 -13.93
C GLU A 168 -7.69 15.00 -12.44
N ASN A 169 -8.31 16.01 -11.83
CA ASN A 169 -8.13 16.22 -10.39
C ASN A 169 -9.20 15.59 -9.54
N PHE A 170 -10.04 14.72 -10.12
CA PHE A 170 -11.21 14.21 -9.43
C PHE A 170 -10.83 13.51 -8.13
N PHE A 171 -9.79 12.68 -8.18
CA PHE A 171 -9.28 12.02 -6.96
C PHE A 171 -8.21 12.85 -6.29
N ALA A 172 -7.32 13.42 -7.08
CA ALA A 172 -6.12 14.05 -6.55
C ALA A 172 -6.45 15.24 -5.68
N ARG A 173 -7.58 15.93 -5.94
CA ARG A 173 -7.95 17.06 -5.10
C ARG A 173 -8.18 16.65 -3.66
N HIS A 174 -8.44 15.37 -3.39
CA HIS A 174 -8.65 14.92 -2.02
C HIS A 174 -7.40 14.32 -1.41
N PHE A 175 -6.29 14.31 -2.15
CA PHE A 175 -5.04 13.64 -1.75
C PHE A 175 -4.03 14.76 -1.53
N LYS A 176 -3.93 15.22 -0.26
CA LYS A 176 -3.27 16.46 0.10
C LYS A 176 -2.19 16.20 1.12
N PRO A 177 -1.05 16.92 1.03
CA PRO A 177 0.02 16.70 2.01
C PRO A 177 -0.37 17.07 3.43
N ASP A 178 -1.34 17.94 3.63
CA ASP A 178 -1.63 18.36 4.99
C ASP A 178 -2.46 17.34 5.76
N ASP A 179 -3.22 16.47 5.08
CA ASP A 179 -4.11 15.60 5.82
C ASP A 179 -4.13 14.15 5.34
N THR A 180 -3.32 13.76 4.35
CA THR A 180 -3.44 12.39 3.84
C THR A 180 -3.15 11.35 4.95
N LEU A 181 -3.98 10.31 4.96
CA LEU A 181 -3.83 9.17 5.86
C LEU A 181 -2.99 8.07 5.22
N ALA A 182 -2.32 8.38 4.11
CA ALA A 182 -1.45 7.41 3.46
C ALA A 182 -0.32 6.91 4.36
N SER A 183 0.06 5.65 4.13
CA SER A 183 1.12 5.04 4.94
C SER A 183 2.12 4.37 4.06
N VAL A 184 3.37 4.34 4.53
CA VAL A 184 4.42 3.49 3.99
C VAL A 184 4.67 2.36 4.96
N VAL A 185 4.81 1.13 4.46
CA VAL A 185 5.20 -0.01 5.30
C VAL A 185 6.46 -0.60 4.72
N LEU A 186 7.50 -0.72 5.53
CA LEU A 186 8.77 -1.33 5.12
C LEU A 186 8.79 -2.76 5.65
N ILE A 187 8.48 -3.73 4.78
CA ILE A 187 8.26 -5.11 5.22
C ILE A 187 9.48 -5.96 4.88
N ARG A 188 9.97 -6.71 5.89
CA ARG A 188 11.00 -7.69 5.67
C ARG A 188 10.39 -9.09 5.71
N TYR A 189 10.60 -9.86 4.61
CA TYR A 189 10.34 -11.28 4.61
C TYR A 189 11.67 -11.99 4.66
N PRO A 190 12.01 -12.68 5.73
CA PRO A 190 13.36 -13.24 5.87
C PRO A 190 13.53 -14.61 5.24
N TYR A 191 14.79 -14.93 4.98
CA TYR A 191 15.16 -16.31 4.73
C TYR A 191 15.35 -16.97 6.08
N LEU A 192 14.70 -18.10 6.30
CA LEU A 192 14.89 -18.81 7.57
C LEU A 192 15.08 -20.30 7.33
N ASP A 193 16.02 -20.87 8.05
CA ASP A 193 16.21 -22.31 7.92
C ASP A 193 16.52 -22.89 9.29
N PRO A 194 15.64 -23.75 9.83
CA PRO A 194 14.38 -24.15 9.21
C PRO A 194 13.31 -23.06 9.29
N TYR A 195 12.35 -23.08 8.37
CA TYR A 195 11.33 -22.08 8.36
C TYR A 195 10.21 -22.49 9.31
N PRO A 196 9.73 -21.60 10.18
CA PRO A 196 8.71 -22.00 11.17
C PRO A 196 7.40 -22.36 10.49
N GLU A 197 6.93 -23.59 10.73
CA GLU A 197 5.69 -24.03 10.09
C GLU A 197 4.51 -23.19 10.53
N ALA A 198 4.57 -22.61 11.74
CA ALA A 198 3.50 -21.74 12.18
C ALA A 198 3.33 -20.51 11.32
N ALA A 199 4.38 -20.07 10.63
CA ALA A 199 4.31 -18.88 9.78
C ALA A 199 3.84 -19.20 8.36
N ILE A 200 3.56 -20.46 8.06
CA ILE A 200 3.08 -20.87 6.73
C ILE A 200 1.62 -21.28 6.87
N LYS A 201 0.75 -20.64 6.10
CA LYS A 201 -0.65 -21.00 6.02
C LYS A 201 -0.88 -21.84 4.76
N THR A 202 -1.79 -22.79 4.86
CA THR A 202 -2.15 -23.63 3.71
C THR A 202 -3.49 -23.14 3.17
N ALA A 203 -3.52 -22.78 1.90
CA ALA A 203 -4.74 -22.33 1.26
C ALA A 203 -5.66 -23.52 1.00
N ALA A 204 -6.92 -23.20 0.65
CA ALA A 204 -7.86 -24.26 0.30
C ALA A 204 -7.40 -25.07 -0.90
N ASP A 205 -6.73 -24.44 -1.87
CA ASP A 205 -6.22 -25.13 -3.05
C ASP A 205 -4.85 -25.77 -2.83
N GLY A 206 -4.39 -25.80 -1.60
CA GLY A 206 -3.13 -26.45 -1.25
C GLY A 206 -1.90 -25.57 -1.26
N THR A 207 -1.98 -24.37 -1.79
CA THR A 207 -0.82 -23.50 -1.91
C THR A 207 -0.36 -23.04 -0.54
N LYS A 208 0.96 -23.11 -0.32
CA LYS A 208 1.53 -22.56 0.93
C LYS A 208 1.65 -21.06 0.84
N LEU A 209 1.16 -20.37 1.85
CA LEU A 209 1.01 -18.92 1.83
C LEU A 209 1.73 -18.27 3.01
N SER A 210 2.21 -17.05 2.77
CA SER A 210 2.62 -16.15 3.84
C SER A 210 1.52 -15.23 4.32
N PHE A 211 0.55 -14.87 3.44
CA PHE A 211 -0.53 -13.97 3.82
C PHE A 211 -1.73 -14.36 2.95
N GLU A 212 -2.89 -14.52 3.57
CA GLU A 212 -4.05 -15.05 2.89
C GLU A 212 -4.72 -14.00 2.02
N TRP A 213 -5.71 -14.47 1.30
CA TRP A 213 -6.47 -13.65 0.37
C TRP A 213 -7.05 -12.44 1.08
N HIS A 214 -7.05 -11.30 0.36
CA HIS A 214 -7.64 -10.10 0.88
C HIS A 214 -7.85 -9.12 -0.26
N GLU A 215 -8.69 -8.13 0.01
CA GLU A 215 -8.74 -6.89 -0.75
C GLU A 215 -8.00 -5.81 0.04
N ASP A 216 -7.33 -4.92 -0.67
CA ASP A 216 -6.58 -3.88 0.03
C ASP A 216 -7.51 -2.82 0.60
N VAL A 217 -7.14 -2.28 1.77
CA VAL A 217 -7.80 -1.13 2.37
C VAL A 217 -7.03 0.10 1.89
N SER A 218 -7.51 0.71 0.80
CA SER A 218 -6.85 1.82 0.16
C SER A 218 -7.78 2.34 -0.93
N LEU A 219 -7.40 3.48 -1.48
CA LEU A 219 -7.90 3.90 -2.80
C LEU A 219 -7.16 3.15 -3.87
N ILE A 220 -5.84 3.32 -3.90
CA ILE A 220 -4.94 2.50 -4.71
C ILE A 220 -3.77 2.14 -3.80
N THR A 221 -3.04 1.10 -4.19
CA THR A 221 -1.81 0.63 -3.55
C THR A 221 -0.68 0.72 -4.54
N VAL A 222 0.44 1.30 -4.11
CA VAL A 222 1.59 1.56 -4.93
C VAL A 222 2.78 0.81 -4.31
N LEU A 223 3.16 -0.29 -4.95
CA LEU A 223 4.04 -1.27 -4.26
C LEU A 223 5.38 -1.41 -4.97
N TYR A 224 6.47 -1.31 -4.20
CA TYR A 224 7.77 -1.76 -4.68
C TYR A 224 8.13 -3.05 -3.99
N GLN A 225 8.62 -4.03 -4.73
CA GLN A 225 9.05 -5.29 -4.14
C GLN A 225 10.39 -5.65 -4.77
N SER A 226 11.18 -6.39 -4.02
CA SER A 226 12.38 -6.89 -4.61
C SER A 226 12.04 -8.02 -5.60
N ASN A 227 13.05 -8.51 -6.31
CA ASN A 227 12.77 -9.39 -7.45
C ASN A 227 12.68 -10.87 -7.04
N VAL A 228 11.62 -11.17 -6.32
CA VAL A 228 11.28 -12.50 -5.88
C VAL A 228 9.77 -12.65 -6.10
N GLN A 229 9.39 -13.61 -6.95
CA GLN A 229 7.98 -13.79 -7.27
C GLN A 229 7.22 -14.30 -6.05
N ASN A 230 6.07 -13.70 -5.74
CA ASN A 230 5.32 -14.10 -4.58
C ASN A 230 3.81 -13.83 -4.68
N LEU A 231 3.39 -12.83 -5.45
CA LEU A 231 2.01 -12.45 -5.43
C LEU A 231 1.16 -13.27 -6.39
N GLN A 232 -0.09 -13.51 -6.00
CA GLN A 232 -1.07 -14.14 -6.88
C GLN A 232 -2.35 -13.34 -6.80
N VAL A 233 -3.03 -13.24 -7.93
CA VAL A 233 -4.33 -12.60 -8.03
C VAL A 233 -5.39 -13.64 -8.34
N GLU A 234 -6.56 -13.45 -7.78
CA GLU A 234 -7.66 -14.36 -8.03
C GLU A 234 -8.41 -13.92 -9.27
N THR A 235 -8.67 -14.87 -10.14
CA THR A 235 -9.57 -14.73 -11.26
C THR A 235 -10.64 -15.80 -11.12
N ALA A 236 -11.66 -15.74 -11.97
CA ALA A 236 -12.71 -16.75 -11.94
C ALA A 236 -12.17 -18.16 -12.19
N ALA A 237 -11.08 -18.27 -12.95
CA ALA A 237 -10.47 -19.54 -13.24
C ALA A 237 -9.36 -19.93 -12.27
N GLY A 238 -9.24 -19.23 -11.17
CA GLY A 238 -8.28 -19.54 -10.12
C GLY A 238 -7.20 -18.48 -10.02
N TYR A 239 -6.26 -18.77 -9.13
CA TYR A 239 -5.19 -17.83 -8.84
C TYR A 239 -4.12 -17.89 -9.92
N GLN A 240 -3.61 -16.72 -10.27
CA GLN A 240 -2.59 -16.55 -11.29
C GLN A 240 -1.39 -15.85 -10.66
N ASP A 241 -0.21 -16.28 -11.05
CA ASP A 241 1.01 -15.66 -10.55
C ASP A 241 1.25 -14.31 -11.19
N ILE A 242 1.66 -13.34 -10.39
CA ILE A 242 2.10 -12.02 -10.86
C ILE A 242 3.61 -12.04 -10.92
N GLU A 243 4.17 -11.79 -12.11
CA GLU A 243 5.62 -11.83 -12.22
C GLU A 243 6.26 -10.63 -11.51
N ALA A 244 7.46 -10.86 -11.00
CA ALA A 244 8.16 -9.80 -10.27
C ALA A 244 8.87 -8.88 -11.26
N ASP A 245 9.06 -7.63 -10.85
CA ASP A 245 9.81 -6.63 -11.60
C ASP A 245 10.29 -5.64 -10.53
N ASP A 246 11.56 -5.69 -10.20
CA ASP A 246 12.12 -4.81 -9.17
C ASP A 246 12.67 -3.50 -9.74
N THR A 247 12.24 -3.08 -10.95
CA THR A 247 12.44 -1.70 -11.34
C THR A 247 11.14 -0.90 -11.35
N GLY A 248 9.99 -1.57 -11.42
CA GLY A 248 8.71 -0.91 -11.55
C GLY A 248 7.90 -0.94 -10.28
N TYR A 249 6.83 -0.15 -10.25
CA TYR A 249 5.88 -0.18 -9.18
C TYR A 249 4.66 -0.97 -9.59
N LEU A 250 4.23 -1.87 -8.73
CA LEU A 250 3.01 -2.63 -8.95
C LEU A 250 1.83 -1.88 -8.35
N ILE A 251 0.81 -1.67 -9.15
CA ILE A 251 -0.33 -0.82 -8.81
C ILE A 251 -1.61 -1.61 -8.83
N ASN A 252 -2.44 -1.45 -7.81
CA ASN A 252 -3.78 -2.01 -7.85
C ASN A 252 -4.73 -1.12 -7.08
N CYS A 253 -6.02 -1.33 -7.33
CA CYS A 253 -7.06 -0.60 -6.59
C CYS A 253 -7.36 -1.29 -5.26
N GLY A 254 -7.76 -0.46 -4.29
CA GLY A 254 -8.32 -0.92 -3.05
C GLY A 254 -9.82 -0.80 -3.01
N SER A 255 -10.39 -1.27 -1.88
CA SER A 255 -11.83 -1.41 -1.84
C SER A 255 -12.55 -0.07 -1.83
N TYR A 256 -11.88 1.04 -1.54
CA TYR A 256 -12.57 2.33 -1.66
C TYR A 256 -12.85 2.68 -3.12
N MET A 257 -11.92 2.32 -4.01
CA MET A 257 -12.19 2.54 -5.44
C MET A 257 -13.36 1.70 -5.93
N ALA A 258 -13.43 0.45 -5.45
CA ALA A 258 -14.54 -0.41 -5.83
C ALA A 258 -15.87 0.15 -5.34
N HIS A 259 -15.87 0.70 -4.13
CA HIS A 259 -17.09 1.30 -3.64
C HIS A 259 -17.53 2.49 -4.51
N LEU A 260 -16.60 3.41 -4.78
N LEU A 260 -16.58 3.40 -4.77
CA LEU A 260 -17.04 4.64 -5.44
CA LEU A 260 -16.88 4.64 -5.49
C LEU A 260 -17.29 4.45 -6.93
C LEU A 260 -17.40 4.36 -6.89
N THR A 261 -16.89 3.30 -7.52
CA THR A 261 -17.20 3.06 -8.93
C THR A 261 -18.26 1.99 -9.09
N ASN A 262 -18.95 1.63 -8.01
CA ASN A 262 -19.97 0.58 -8.06
C ASN A 262 -19.37 -0.70 -8.66
N ASN A 263 -18.15 -1.03 -8.19
CA ASN A 263 -17.44 -2.24 -8.55
C ASN A 263 -17.04 -2.30 -10.03
N TYR A 264 -17.08 -1.17 -10.71
CA TYR A 264 -16.57 -1.13 -12.09
C TYR A 264 -15.08 -1.40 -12.14
N TYR A 265 -14.34 -0.74 -11.27
CA TYR A 265 -12.96 -1.09 -10.97
C TYR A 265 -13.01 -1.86 -9.65
N LYS A 266 -12.91 -3.19 -9.75
CA LYS A 266 -12.93 -4.03 -8.57
C LYS A 266 -11.62 -3.89 -7.81
N ALA A 267 -11.68 -4.19 -6.52
CA ALA A 267 -10.45 -4.33 -5.75
C ALA A 267 -10.02 -5.77 -5.91
N PRO A 268 -8.93 -6.06 -6.61
CA PRO A 268 -8.56 -7.45 -6.85
C PRO A 268 -8.20 -8.18 -5.58
N ILE A 269 -8.72 -9.41 -5.47
CA ILE A 269 -8.36 -10.29 -4.38
C ILE A 269 -6.99 -10.89 -4.69
N HIS A 270 -6.08 -10.83 -3.71
CA HIS A 270 -4.74 -11.33 -3.96
C HIS A 270 -4.20 -11.91 -2.68
N ARG A 271 -3.13 -12.65 -2.81
CA ARG A 271 -2.52 -13.37 -1.67
C ARG A 271 -1.04 -13.45 -1.93
N VAL A 272 -0.29 -13.78 -0.88
CA VAL A 272 1.18 -13.81 -0.90
C VAL A 272 1.59 -15.27 -0.68
N LYS A 273 2.23 -15.88 -1.70
CA LYS A 273 2.77 -17.22 -1.58
C LYS A 273 3.95 -17.22 -0.63
N TRP A 274 4.11 -18.35 0.06
CA TRP A 274 5.32 -18.58 0.82
C TRP A 274 6.48 -18.89 -0.10
N VAL A 275 7.56 -18.14 0.09
CA VAL A 275 8.82 -18.34 -0.60
C VAL A 275 9.91 -18.16 0.44
N ASN A 276 10.81 -19.14 0.55
CA ASN A 276 11.87 -19.00 1.55
C ASN A 276 13.03 -18.25 0.90
N ALA A 277 12.96 -16.92 0.97
CA ALA A 277 13.96 -16.05 0.39
C ALA A 277 13.91 -14.71 1.10
N GLU A 278 15.07 -14.12 1.29
CA GLU A 278 15.16 -12.79 1.86
C GLU A 278 14.63 -11.78 0.83
N ARG A 279 13.60 -11.03 1.20
CA ARG A 279 13.04 -10.09 0.24
C ARG A 279 12.38 -8.93 0.97
N GLN A 280 12.07 -7.89 0.20
N GLN A 280 12.17 -7.85 0.22
CA GLN A 280 11.38 -6.70 0.71
CA GLN A 280 11.73 -6.60 0.79
C GLN A 280 10.03 -6.52 0.02
C GLN A 280 10.49 -6.12 0.05
N SER A 281 9.07 -5.99 0.76
N SER A 281 9.50 -5.66 0.80
CA SER A 281 7.77 -5.60 0.22
CA SER A 281 8.26 -5.10 0.23
C SER A 281 7.46 -4.23 0.82
C SER A 281 8.04 -3.73 0.86
N LEU A 282 7.36 -3.20 -0.04
N LEU A 282 7.75 -2.74 0.01
CA LEU A 282 7.34 -1.81 0.41
CA LEU A 282 7.56 -1.36 0.45
C LEU A 282 6.09 -1.12 -0.17
C LEU A 282 6.27 -0.81 -0.14
N PRO A 283 4.93 -1.36 0.42
N PRO A 283 5.12 -1.23 0.37
CA PRO A 283 3.70 -0.71 -0.06
CA PRO A 283 3.84 -0.68 -0.12
C PRO A 283 3.56 0.72 0.44
C PRO A 283 3.56 0.71 0.43
N PHE A 284 2.97 1.53 -0.42
CA PHE A 284 2.46 2.85 -0.09
C PHE A 284 0.95 2.79 -0.32
N PHE A 285 0.19 2.92 0.74
CA PHE A 285 -1.26 2.81 0.68
C PHE A 285 -1.81 4.20 0.48
N VAL A 286 -2.42 4.43 -0.68
CA VAL A 286 -2.93 5.75 -0.97
C VAL A 286 -4.26 5.87 -0.26
N ASN A 287 -4.31 6.72 0.75
CA ASN A 287 -5.50 7.03 1.54
C ASN A 287 -5.76 8.50 1.40
N LEU A 288 -7.02 8.88 1.47
CA LEU A 288 -7.37 10.29 1.40
C LEU A 288 -7.35 10.91 2.81
N GLY A 289 -8.05 12.02 3.00
CA GLY A 289 -8.16 12.63 4.31
C GLY A 289 -9.32 12.08 5.11
N TYR A 290 -9.30 12.37 6.41
CA TYR A 290 -10.28 11.76 7.32
C TYR A 290 -11.70 12.12 6.93
N ASP A 291 -11.92 13.35 6.47
N ASP A 291 -11.92 13.36 6.48
CA ASP A 291 -13.26 13.82 6.10
CA ASP A 291 -13.24 13.84 6.10
C ASP A 291 -13.53 13.74 4.61
C ASP A 291 -13.44 13.90 4.59
N SER A 292 -12.61 13.18 3.83
CA SER A 292 -12.78 13.12 2.37
C SER A 292 -13.97 12.26 2.03
N VAL A 293 -14.85 12.77 1.17
CA VAL A 293 -15.97 11.99 0.67
C VAL A 293 -16.02 12.20 -0.83
N ILE A 294 -16.09 11.11 -1.58
CA ILE A 294 -16.35 11.15 -3.02
C ILE A 294 -17.72 10.54 -3.24
N ASP A 295 -18.57 11.24 -4.00
CA ASP A 295 -19.90 10.74 -4.32
C ASP A 295 -19.78 9.53 -5.24
N PRO A 296 -20.33 8.37 -4.89
CA PRO A 296 -20.21 7.20 -5.78
C PRO A 296 -20.91 7.46 -7.10
N PHE A 297 -20.43 6.80 -8.15
CA PHE A 297 -21.00 6.90 -9.48
C PHE A 297 -20.82 5.54 -10.16
N ASP A 298 -21.59 5.33 -11.22
CA ASP A 298 -21.54 4.07 -11.96
C ASP A 298 -21.19 4.38 -13.39
N PRO A 299 -19.95 4.13 -13.81
CA PRO A 299 -19.55 4.44 -15.19
C PRO A 299 -20.29 3.65 -16.24
N ARG A 300 -21.00 2.60 -15.88
CA ARG A 300 -21.75 1.82 -16.85
C ARG A 300 -23.04 2.51 -17.28
N GLU A 301 -23.55 3.45 -16.47
CA GLU A 301 -24.84 4.07 -16.75
C GLU A 301 -24.65 5.36 -17.54
N PRO A 302 -25.51 5.63 -18.52
CA PRO A 302 -25.40 6.91 -19.24
C PRO A 302 -25.25 8.09 -18.29
N ASN A 303 -26.13 8.21 -17.31
CA ASN A 303 -26.11 9.35 -16.39
C ASN A 303 -25.22 9.12 -15.17
N GLY A 304 -24.51 7.99 -15.11
CA GLY A 304 -23.58 7.74 -14.03
C GLY A 304 -24.20 7.63 -12.65
N LYS A 305 -25.52 7.45 -12.58
CA LYS A 305 -26.19 7.43 -11.29
C LYS A 305 -25.88 6.16 -10.52
N SER A 306 -25.60 6.31 -9.21
CA SER A 306 -25.37 5.18 -8.32
C SER A 306 -26.24 5.39 -7.09
N ASP A 307 -26.75 4.28 -6.53
CA ASP A 307 -27.55 4.31 -5.33
C ASP A 307 -26.73 4.03 -4.09
N ARG A 308 -25.40 4.02 -4.22
CA ARG A 308 -24.51 3.72 -3.10
C ARG A 308 -24.26 4.95 -2.25
N GLU A 309 -24.16 4.73 -0.94
CA GLU A 309 -24.02 5.85 0.00
C GLU A 309 -22.62 6.42 -0.09
N PRO A 310 -22.47 7.73 -0.01
CA PRO A 310 -21.13 8.30 0.16
C PRO A 310 -20.55 7.80 1.47
N LEU A 311 -19.27 7.43 1.44
CA LEU A 311 -18.60 6.85 2.59
C LEU A 311 -17.45 7.77 2.95
N SER A 312 -17.42 8.24 4.19
CA SER A 312 -16.33 9.09 4.60
C SER A 312 -15.04 8.29 4.71
N TYR A 313 -13.94 8.86 4.24
CA TYR A 313 -12.75 8.02 4.09
C TYR A 313 -12.23 7.58 5.47
N GLY A 314 -12.37 8.44 6.48
CA GLY A 314 -11.87 8.10 7.80
C GLY A 314 -12.62 6.90 8.39
N ASP A 315 -13.94 6.89 8.24
CA ASP A 315 -14.70 5.77 8.79
C ASP A 315 -14.42 4.49 8.02
N TYR A 316 -14.27 4.62 6.70
CA TYR A 316 -13.86 3.48 5.87
C TYR A 316 -12.54 2.90 6.36
N LEU A 317 -11.58 3.75 6.65
CA LEU A 317 -10.22 3.28 6.97
C LEU A 317 -10.22 2.63 8.36
N GLN A 318 -10.89 3.26 9.32
CA GLN A 318 -10.93 2.68 10.65
C GLN A 318 -11.55 1.29 10.62
N ASN A 319 -12.70 1.14 9.96
CA ASN A 319 -13.35 -0.17 9.88
C ASN A 319 -12.49 -1.17 9.12
N GLY A 320 -11.89 -0.72 8.03
CA GLY A 320 -11.17 -1.64 7.17
C GLY A 320 -9.90 -2.19 7.81
N LEU A 321 -9.15 -1.33 8.50
CA LEU A 321 -7.93 -1.78 9.13
C LEU A 321 -8.24 -2.81 10.20
N VAL A 322 -9.31 -2.58 10.96
CA VAL A 322 -9.69 -3.54 12.01
C VAL A 322 -10.17 -4.84 11.40
N SER A 323 -11.01 -4.76 10.35
CA SER A 323 -11.49 -5.96 9.69
C SER A 323 -10.34 -6.79 9.14
N LEU A 324 -9.35 -6.13 8.54
CA LEU A 324 -8.25 -6.86 7.94
C LEU A 324 -7.42 -7.58 9.00
N ILE A 325 -7.21 -6.93 10.16
CA ILE A 325 -6.51 -7.62 11.24
C ILE A 325 -7.31 -8.83 11.69
N ASN A 326 -8.63 -8.67 11.86
CA ASN A 326 -9.45 -9.77 12.37
C ASN A 326 -9.47 -10.95 11.42
N LYS A 327 -9.40 -10.71 10.10
CA LYS A 327 -9.50 -11.78 9.13
C LYS A 327 -8.16 -12.46 8.86
N ASN A 328 -7.10 -11.68 8.63
CA ASN A 328 -5.83 -12.22 8.21
C ASN A 328 -4.75 -12.18 9.29
N GLY A 329 -5.08 -11.71 10.49
CA GLY A 329 -4.16 -11.78 11.60
C GLY A 329 -3.38 -10.48 11.82
N GLN A 330 -2.89 -10.33 13.05
CA GLN A 330 -2.01 -9.23 13.39
C GLN A 330 -0.68 -9.40 12.65
N THR A 331 -0.31 -8.40 11.85
CA THR A 331 0.95 -8.47 11.09
C THR A 331 2.13 -8.01 11.93
S SO4 B . 2.91 7.96 -26.70
O1 SO4 B . 3.33 8.25 -25.32
O2 SO4 B . 3.76 6.91 -27.28
O3 SO4 B . 1.53 7.48 -26.71
O4 SO4 B . 3.04 9.18 -27.50
S SO4 C . -19.29 -5.81 -14.73
O1 SO4 C . -18.28 -6.75 -15.21
O2 SO4 C . -18.99 -5.44 -13.35
O3 SO4 C . -20.61 -6.43 -14.79
O4 SO4 C . -19.28 -4.63 -15.59
C1 ACV D . -1.48 1.32 8.11
C2 ACV D . -0.82 -0.04 7.82
C3 ACV D . -1.84 -0.92 7.08
C4 ACV D . -1.30 -2.31 6.75
C7 ACV D . -2.35 -3.23 6.14
C10 ACV D . -1.80 -4.60 5.80
N11 ACV D . -1.59 -4.81 4.50
C12 ACV D . -1.11 -6.07 3.99
C13 ACV D . 0.32 -5.94 3.50
N14 ACV D . -0.32 -0.63 9.08
O15 ACV D . -1.55 -5.44 6.65
C16 ACV D . -1.96 -6.54 2.81
S17 ACV D . -2.10 -5.31 1.49
O18 ACV D . 1.04 -5.03 3.91
O19 ACV D . -2.04 1.84 7.05
O20 ACV D . -1.46 1.84 9.20
N29 ACV D . 0.73 -6.85 2.60
C30 ACV D . 2.03 -6.73 1.95
C31 ACV D . 2.70 -8.10 1.92
O42 ACV D . 2.27 -8.92 2.87
O43 ACV D . 3.54 -8.38 1.09
O1 OXY E . -0.78 -7.74 -0.02
O1 OXY E . -0.74 -7.62 -0.33
O2 OXY E . 0.40 -7.60 -0.21
O2 OXY E . -0.74 -7.05 0.75
FE FE F . -2.64 -6.42 -0.49
O43 IO0 G . 2.71 -8.81 2.58
C31 IO0 G . 2.92 -7.93 1.76
O42 IO0 G . 3.98 -7.87 0.99
C30 IO0 G . 1.94 -6.80 1.52
N29 IO0 G . 0.88 -6.87 2.52
C13 IO0 G . 0.49 -5.79 3.20
O18 IO0 G . 0.97 -4.66 3.03
C12 IO0 G . -0.59 -6.03 4.24
C16 IO0 G . -1.62 -6.82 3.53
S IO0 G . -3.12 -6.54 3.73
N30 IO0 G . -1.16 -4.75 4.65
C25 IO0 G . -1.71 -4.57 5.85
O25 IO0 G . -1.73 -5.45 6.70
C24 IO0 G . -2.29 -3.21 6.10
C23 IO0 G . -1.29 -2.28 6.77
C22 IO0 G . -1.87 -0.89 7.03
C21 IO0 G . -0.90 0.01 7.78
N31 IO0 G . -0.48 -0.59 9.09
C20 IO0 G . -1.59 1.34 8.04
O20 IO0 G . -2.11 1.42 9.23
O21 IO0 G . -1.64 2.21 7.19
#